data_5AR5
#
_entry.id   5AR5
#
_cell.length_a   132.176
_cell.length_b   132.176
_cell.length_c   107.667
_cell.angle_alpha   90.00
_cell.angle_beta   90.00
_cell.angle_gamma   120.00
#
_symmetry.space_group_name_H-M   'P 32 2 1'
#
loop_
_entity.id
_entity.type
_entity.pdbx_description
1 polymer 'RECEPTOR-INTERACTING SERINE/THREONINE-PROTEIN KINASE 2'
2 non-polymer 'CALCIUM ION'
3 non-polymer 2-(2-(4-CHLOROPHENYL)-1H-IMIDAZOL-5-YL)-N,1-BIS(2-METHOXYETHYL)-1H-BENZO[D]IMIDAZOLE-5-CARBOXAMIDE
4 water water
#
_entity_poly.entity_id   1
_entity_poly.type   'polypeptide(L)'
_entity_poly.pdbx_seq_one_letter_code
;MDYKDDDDKENLYFQGMNGEAICSALPTIPYHKLADLRYLSRGASGTVSSARHADWRVQVAVKHLHIHTPLLDSERKDVL
REAEILHKARFSYILPILGICNEPEFLGIVTEYMPNGSLNELLHRKTEYPDVAWPLRFRILHEIALGVNYLHNMTPPLLH
HDLKTQNILLDNEFHVKIADFGLSKWRMMSLSQSRSSKSAPEGGTIIYMPPENYEPGQKSRASIKHDIYSYAVITWEVLS
RKQPFEDVTNPLQIMYSVSQGHRPVINEESLPYDIPHRARMISLIESGWAQNPDERPSFLKCLIELEPVLRTFEEITFLE
AVIQLK
;
_entity_poly.pdbx_strand_id   A,B
#
loop_
_chem_comp.id
_chem_comp.type
_chem_comp.name
_chem_comp.formula
CA non-polymer 'CALCIUM ION' 'Ca 2'
IQ7 non-polymer 2-(2-(4-CHLOROPHENYL)-1H-IMIDAZOL-5-YL)-N,1-BIS(2-METHOXYETHYL)-1H-BENZO[D]IMIDAZOLE-5-CARBOXAMIDE 'C23 H24 Cl N5 O3'
#
# COMPACT_ATOMS: atom_id res chain seq x y z
N GLU A 20 -15.87 20.32 -9.25
CA GLU A 20 -14.70 21.17 -8.89
C GLU A 20 -13.78 20.50 -7.86
N ALA A 21 -14.30 20.29 -6.65
CA ALA A 21 -13.55 19.66 -5.55
C ALA A 21 -13.87 18.18 -5.39
N ILE A 22 -12.95 17.31 -5.81
CA ILE A 22 -13.13 15.85 -5.78
C ILE A 22 -13.05 15.26 -4.36
N CYS A 23 -14.18 14.77 -3.84
CA CYS A 23 -14.22 14.15 -2.50
C CYS A 23 -14.52 12.65 -2.44
N SER A 24 -13.76 11.97 -1.56
CA SER A 24 -13.85 10.54 -1.32
C SER A 24 -14.33 10.32 0.09
N ALA A 25 -15.38 9.52 0.25
CA ALA A 25 -15.95 9.28 1.58
C ALA A 25 -15.44 7.98 2.21
N LEU A 26 -15.18 8.03 3.51
CA LEU A 26 -14.74 6.86 4.25
C LEU A 26 -15.93 5.94 4.50
N PRO A 27 -15.82 4.67 4.09
CA PRO A 27 -16.91 3.73 4.31
C PRO A 27 -17.22 3.50 5.78
N THR A 28 -18.48 3.23 6.07
CA THR A 28 -18.90 2.89 7.42
C THR A 28 -19.03 1.37 7.44
N ILE A 29 -18.42 0.74 8.43
CA ILE A 29 -18.44 -0.72 8.47
C ILE A 29 -19.32 -1.23 9.60
N PRO A 30 -20.39 -1.95 9.27
CA PRO A 30 -21.22 -2.52 10.32
C PRO A 30 -20.40 -3.51 11.13
N TYR A 31 -20.48 -3.40 12.45
CA TYR A 31 -19.76 -4.27 13.37
C TYR A 31 -19.88 -5.73 13.01
N HIS A 32 -21.08 -6.15 12.61
CA HIS A 32 -21.35 -7.56 12.34
C HIS A 32 -20.56 -8.12 11.15
N LYS A 33 -20.08 -7.22 10.28
CA LYS A 33 -19.26 -7.57 9.12
C LYS A 33 -17.84 -7.98 9.48
N LEU A 34 -17.41 -7.67 10.71
CA LEU A 34 -16.07 -8.00 11.19
C LEU A 34 -16.08 -9.33 11.89
N ALA A 35 -15.73 -10.39 11.17
CA ALA A 35 -15.69 -11.73 11.77
C ALA A 35 -14.33 -12.01 12.39
N ASP A 36 -14.27 -13.04 13.25
CA ASP A 36 -13.05 -13.48 13.95
C ASP A 36 -12.36 -12.36 14.73
N LEU A 37 -13.14 -11.44 15.29
CA LEU A 37 -12.58 -10.35 16.07
C LEU A 37 -11.79 -10.94 17.24
N ARG A 38 -10.49 -10.72 17.23
CA ARG A 38 -9.64 -11.32 18.24
C ARG A 38 -8.53 -10.35 18.65
N TYR A 39 -8.35 -10.21 19.97
CA TYR A 39 -7.32 -9.36 20.58
C TYR A 39 -5.90 -9.55 20.00
N LEU A 40 -5.25 -8.44 19.64
CA LEU A 40 -3.86 -8.46 19.13
C LEU A 40 -2.83 -7.87 20.09
N SER A 41 -3.05 -6.62 20.50
CA SER A 41 -2.11 -5.89 21.38
C SER A 41 -2.71 -4.64 22.01
N ARG A 42 -2.10 -4.19 23.11
CA ARG A 42 -2.53 -2.98 23.82
C ARG A 42 -1.39 -1.97 23.85
N GLY A 43 -1.77 -0.71 24.03
CA GLY A 43 -0.84 0.39 24.16
C GLY A 43 -1.58 1.54 24.80
N ALA A 44 -0.91 2.68 24.95
CA ALA A 44 -1.54 3.88 25.51
C ALA A 44 -2.65 4.38 24.56
N SER A 45 -2.48 4.07 23.28
CA SER A 45 -3.39 4.45 22.21
C SER A 45 -4.76 3.76 22.25
N GLY A 46 -4.80 2.57 22.84
CA GLY A 46 -6.03 1.77 22.92
C GLY A 46 -5.75 0.31 22.59
N THR A 47 -6.81 -0.46 22.39
CA THR A 47 -6.67 -1.88 22.05
C THR A 47 -6.70 -2.08 20.54
N VAL A 48 -5.89 -3.03 20.06
CA VAL A 48 -5.87 -3.40 18.66
C VAL A 48 -6.29 -4.85 18.52
N SER A 49 -7.29 -5.12 17.68
CA SER A 49 -7.75 -6.48 17.44
C SER A 49 -7.64 -6.78 15.96
N SER A 50 -7.46 -8.05 15.64
CA SER A 50 -7.46 -8.50 14.24
C SER A 50 -8.87 -8.99 13.89
N ALA A 51 -9.16 -9.07 12.59
CA ALA A 51 -10.45 -9.55 12.11
C ALA A 51 -10.40 -9.75 10.61
N ARG A 52 -11.48 -10.27 10.03
CA ARG A 52 -11.64 -10.37 8.59
C ARG A 52 -12.98 -9.71 8.19
N HIS A 53 -12.99 -8.95 7.10
CA HIS A 53 -14.22 -8.34 6.65
C HIS A 53 -15.01 -9.40 5.87
N ALA A 54 -16.24 -9.69 6.32
CA ALA A 54 -17.06 -10.77 5.71
C ALA A 54 -17.38 -10.60 4.22
N ASP A 55 -17.50 -9.35 3.76
CA ASP A 55 -17.79 -9.10 2.36
C ASP A 55 -16.53 -8.89 1.55
N TRP A 56 -15.53 -8.20 2.11
CA TRP A 56 -14.33 -7.88 1.32
C TRP A 56 -13.29 -9.00 1.27
N ARG A 57 -13.45 -9.99 2.15
CA ARG A 57 -12.59 -11.17 2.21
C ARG A 57 -11.12 -10.83 2.42
N VAL A 58 -10.87 -9.78 3.21
CA VAL A 58 -9.49 -9.41 3.56
C VAL A 58 -9.35 -9.40 5.08
N GLN A 59 -8.13 -9.59 5.54
CA GLN A 59 -7.84 -9.50 6.96
C GLN A 59 -7.71 -8.01 7.28
N VAL A 60 -8.17 -7.58 8.46
CA VAL A 60 -8.08 -6.16 8.83
C VAL A 60 -7.61 -6.01 10.28
N ALA A 61 -7.27 -4.78 10.65
CA ALA A 61 -6.93 -4.44 12.01
C ALA A 61 -8.01 -3.47 12.53
N VAL A 62 -8.30 -3.53 13.83
CA VAL A 62 -9.33 -2.68 14.42
C VAL A 62 -8.83 -2.03 15.71
N LYS A 63 -8.64 -0.72 15.68
CA LYS A 63 -8.24 0.02 16.87
C LYS A 63 -9.52 0.54 17.54
N HIS A 64 -9.70 0.15 18.79
CA HIS A 64 -10.91 0.48 19.56
C HIS A 64 -10.63 0.69 21.05
N LEU A 65 -11.65 1.18 21.75
CA LEU A 65 -11.56 1.41 23.18
C LEU A 65 -11.98 0.15 23.92
N HIS A 66 -11.35 -0.11 25.06
CA HIS A 66 -11.66 -1.28 25.91
C HIS A 66 -11.17 -1.07 27.34
N LEU A 71 -16.54 3.88 27.18
CA LEU A 71 -17.83 4.05 26.51
C LEU A 71 -18.23 5.52 26.36
N LEU A 72 -17.58 6.40 27.13
CA LEU A 72 -17.87 7.83 27.18
C LEU A 72 -17.94 8.52 25.82
N ASP A 73 -18.85 9.51 25.71
CA ASP A 73 -19.06 10.28 24.49
C ASP A 73 -17.83 11.16 24.21
N SER A 74 -17.04 11.40 25.24
CA SER A 74 -15.81 12.18 25.14
C SER A 74 -14.76 11.45 24.27
N GLU A 75 -14.76 10.13 24.37
CA GLU A 75 -13.83 9.28 23.62
C GLU A 75 -14.20 9.09 22.14
N ARG A 76 -15.49 9.25 21.82
CA ARG A 76 -15.95 9.15 20.43
C ARG A 76 -15.32 10.20 19.53
N LYS A 77 -15.27 11.45 20.02
CA LYS A 77 -14.68 12.54 19.27
C LYS A 77 -13.20 12.27 18.98
N ASP A 78 -12.51 11.67 19.94
CA ASP A 78 -11.10 11.29 19.77
C ASP A 78 -10.90 10.28 18.65
N VAL A 79 -11.69 9.21 18.67
CA VAL A 79 -11.61 8.16 17.66
C VAL A 79 -12.01 8.70 16.29
N LEU A 80 -13.05 9.52 16.24
CA LEU A 80 -13.51 10.13 14.99
C LEU A 80 -12.54 11.20 14.47
N ARG A 81 -11.76 11.78 15.37
CA ARG A 81 -10.78 12.78 15.01
C ARG A 81 -9.64 12.10 14.27
N GLU A 82 -9.12 11.03 14.87
CA GLU A 82 -8.03 10.24 14.30
C GLU A 82 -8.45 9.62 12.96
N ALA A 83 -9.64 9.03 12.93
CA ALA A 83 -10.19 8.43 11.71
C ALA A 83 -10.17 9.45 10.56
N GLU A 84 -10.63 10.68 10.86
CA GLU A 84 -10.67 11.77 9.90
C GLU A 84 -9.27 12.15 9.40
N ILE A 85 -8.30 12.16 10.31
CA ILE A 85 -6.92 12.48 9.96
C ILE A 85 -6.32 11.42 9.02
N LEU A 86 -6.42 10.14 9.43
CA LEU A 86 -5.94 9.02 8.62
C LEU A 86 -6.55 9.04 7.24
N HIS A 87 -7.83 9.37 7.17
CA HIS A 87 -8.53 9.45 5.90
C HIS A 87 -8.03 10.61 5.05
N LYS A 88 -7.65 11.72 5.68
CA LYS A 88 -7.14 12.87 4.93
C LYS A 88 -5.64 12.84 4.61
N ALA A 89 -4.87 12.16 5.46
CA ALA A 89 -3.42 12.08 5.31
C ALA A 89 -2.93 10.86 4.52
N ARG A 90 -3.81 10.30 3.69
CA ARG A 90 -3.49 9.08 2.92
C ARG A 90 -2.26 9.28 2.06
N PHE A 91 -1.31 8.37 2.20
CA PHE A 91 -0.08 8.37 1.42
C PHE A 91 0.60 7.00 1.59
N SER A 92 1.56 6.71 0.72
CA SER A 92 2.24 5.40 0.65
C SER A 92 2.87 4.89 1.94
N TYR A 93 3.24 5.80 2.83
CA TYR A 93 3.91 5.39 4.08
C TYR A 93 3.08 5.72 5.32
N ILE A 94 1.79 5.97 5.10
CA ILE A 94 0.82 6.22 6.16
C ILE A 94 -0.16 5.02 6.22
N LEU A 95 -0.37 4.47 7.42
CA LEU A 95 -1.31 3.35 7.58
C LEU A 95 -2.68 3.64 6.95
N PRO A 96 -3.09 2.83 5.94
CA PRO A 96 -4.37 3.06 5.27
C PRO A 96 -5.60 2.67 6.08
N ILE A 97 -6.51 3.63 6.24
CA ILE A 97 -7.79 3.40 6.92
C ILE A 97 -8.78 2.84 5.87
N LEU A 98 -9.50 1.79 6.26
CA LEU A 98 -10.46 1.15 5.35
C LEU A 98 -11.90 1.57 5.61
N GLY A 99 -12.18 1.95 6.86
CA GLY A 99 -13.51 2.37 7.24
C GLY A 99 -13.55 2.73 8.69
N ILE A 100 -14.75 3.12 9.13
CA ILE A 100 -15.03 3.50 10.53
C ILE A 100 -16.22 2.66 11.01
N CYS A 101 -16.07 2.05 12.19
CA CYS A 101 -17.13 1.27 12.78
C CYS A 101 -17.71 2.09 13.94
N ASN A 102 -18.86 2.72 13.69
CA ASN A 102 -19.49 3.62 14.67
C ASN A 102 -20.91 3.21 15.03
N GLU A 103 -21.04 2.52 16.16
CA GLU A 103 -22.33 2.04 16.63
C GLU A 103 -22.53 2.26 18.14
N PRO A 104 -23.79 2.15 18.62
CA PRO A 104 -24.03 2.28 20.06
C PRO A 104 -23.20 1.28 20.87
N GLU A 105 -23.10 0.06 20.36
CA GLU A 105 -22.35 -1.00 21.01
C GLU A 105 -20.82 -0.86 20.90
N PHE A 106 -20.34 -0.51 19.71
CA PHE A 106 -18.91 -0.52 19.42
C PHE A 106 -18.44 0.71 18.65
N LEU A 107 -17.19 1.10 18.88
CA LEU A 107 -16.57 2.20 18.15
C LEU A 107 -15.13 1.82 17.83
N GLY A 108 -14.74 1.90 16.56
CA GLY A 108 -13.37 1.54 16.18
C GLY A 108 -12.93 1.94 14.78
N ILE A 109 -11.62 2.05 14.62
CA ILE A 109 -11.02 2.41 13.33
C ILE A 109 -10.54 1.14 12.62
N VAL A 110 -11.06 0.90 11.40
CA VAL A 110 -10.65 -0.28 10.64
C VAL A 110 -9.55 0.04 9.63
N THR A 111 -8.40 -0.62 9.75
CA THR A 111 -7.27 -0.37 8.84
C THR A 111 -6.79 -1.66 8.20
N GLU A 112 -5.88 -1.52 7.25
CA GLU A 112 -5.20 -2.67 6.66
C GLU A 112 -4.42 -3.38 7.77
N TYR A 113 -4.31 -4.69 7.65
CA TYR A 113 -3.54 -5.48 8.57
C TYR A 113 -2.05 -5.49 8.17
N MET A 114 -1.18 -5.21 9.13
CA MET A 114 0.26 -5.18 8.96
C MET A 114 0.76 -6.42 9.65
N PRO A 115 1.05 -7.48 8.88
CA PRO A 115 1.42 -8.76 9.50
C PRO A 115 2.71 -8.73 10.31
N ASN A 116 3.63 -7.84 9.96
CA ASN A 116 4.90 -7.78 10.70
C ASN A 116 4.98 -6.87 11.94
N GLY A 117 3.85 -6.36 12.41
CA GLY A 117 3.84 -5.57 13.64
C GLY A 117 4.62 -4.27 13.64
N SER A 118 5.31 -3.99 14.75
CA SER A 118 5.99 -2.70 14.87
C SER A 118 7.51 -2.75 14.78
N LEU A 119 8.11 -1.62 14.39
CA LEU A 119 9.56 -1.45 14.37
C LEU A 119 10.19 -1.77 15.74
N ASN A 120 9.44 -1.47 16.81
CA ASN A 120 9.90 -1.71 18.16
C ASN A 120 10.17 -3.17 18.43
N GLU A 121 9.26 -4.03 18.00
CA GLU A 121 9.38 -5.46 18.20
C GLU A 121 10.50 -6.05 17.33
N LEU A 122 10.77 -5.41 16.19
CA LEU A 122 11.81 -5.87 15.27
C LEU A 122 13.19 -5.57 15.84
N LEU A 123 13.32 -4.36 16.38
CA LEU A 123 14.56 -3.90 16.98
C LEU A 123 14.95 -4.67 18.24
N HIS A 124 13.97 -5.01 19.07
CA HIS A 124 14.27 -5.59 20.40
C HIS A 124 13.99 -7.07 20.64
N ARG A 125 13.25 -7.74 19.77
CA ARG A 125 13.12 -9.18 19.91
C ARG A 125 14.40 -9.75 19.26
N LYS A 126 15.46 -9.84 20.06
CA LYS A 126 16.78 -10.22 19.55
C LYS A 126 17.03 -11.69 19.34
N THR A 127 16.26 -12.54 20.02
CA THR A 127 16.40 -13.97 19.80
C THR A 127 15.59 -14.37 18.56
N GLU A 128 14.42 -13.75 18.41
CA GLU A 128 13.56 -13.95 17.24
C GLU A 128 14.22 -13.39 15.96
N TYR A 129 14.85 -12.21 16.10
CA TYR A 129 15.51 -11.54 14.98
C TYR A 129 16.98 -11.26 15.31
N PRO A 130 17.84 -12.29 15.27
CA PRO A 130 19.25 -12.08 15.58
C PRO A 130 19.92 -11.04 14.67
N ASP A 131 19.50 -10.97 13.41
CA ASP A 131 20.08 -10.01 12.47
C ASP A 131 18.99 -9.24 11.79
N VAL A 132 19.23 -7.96 11.57
CA VAL A 132 18.34 -7.12 10.81
C VAL A 132 19.30 -6.38 9.88
N ALA A 133 19.28 -6.72 8.61
CA ALA A 133 20.25 -6.19 7.65
C ALA A 133 20.27 -4.68 7.50
N TRP A 134 21.47 -4.13 7.43
CA TRP A 134 21.65 -2.70 7.25
C TRP A 134 20.76 -2.13 6.14
N PRO A 135 20.72 -2.75 4.94
CA PRO A 135 19.86 -2.17 3.90
C PRO A 135 18.39 -2.03 4.35
N LEU A 136 17.85 -3.03 5.03
CA LEU A 136 16.47 -2.94 5.49
C LEU A 136 16.31 -1.80 6.51
N ARG A 137 17.24 -1.69 7.45
CA ARG A 137 17.20 -0.61 8.45
C ARG A 137 17.16 0.75 7.79
N PHE A 138 18.00 0.95 6.78
CA PHE A 138 18.05 2.22 6.06
C PHE A 138 16.79 2.49 5.26
N ARG A 139 16.16 1.43 4.73
CA ARG A 139 14.94 1.61 3.96
C ARG A 139 13.81 2.02 4.91
N ILE A 140 13.79 1.41 6.09
CA ILE A 140 12.81 1.77 7.11
C ILE A 140 12.97 3.26 7.46
N LEU A 141 14.20 3.68 7.76
CA LEU A 141 14.49 5.08 8.09
C LEU A 141 14.10 6.00 6.94
N HIS A 142 14.41 5.59 5.72
CA HIS A 142 14.08 6.39 4.55
C HIS A 142 12.57 6.53 4.39
N GLU A 143 11.85 5.43 4.63
CA GLU A 143 10.39 5.44 4.48
C GLU A 143 9.67 6.23 5.60
N ILE A 144 10.12 6.08 6.84
CA ILE A 144 9.59 6.91 7.94
C ILE A 144 9.69 8.40 7.55
N ALA A 145 10.90 8.83 7.15
CA ALA A 145 11.15 10.22 6.72
C ALA A 145 10.28 10.65 5.55
N LEU A 146 10.04 9.75 4.60
CA LEU A 146 9.16 10.06 3.47
C LEU A 146 7.75 10.28 3.96
N GLY A 147 7.33 9.48 4.93
CA GLY A 147 5.98 9.58 5.49
C GLY A 147 5.78 10.90 6.17
N VAL A 148 6.65 11.17 7.16
CA VAL A 148 6.58 12.41 7.92
C VAL A 148 6.73 13.64 7.01
N ASN A 149 7.62 13.56 6.02
CA ASN A 149 7.81 14.66 5.07
C ASN A 149 6.51 15.02 4.38
N TYR A 150 5.78 13.98 3.95
CA TYR A 150 4.51 14.20 3.28
C TYR A 150 3.51 14.92 4.21
N LEU A 151 3.48 14.53 5.48
CA LEU A 151 2.59 15.15 6.47
C LEU A 151 2.90 16.64 6.62
N HIS A 152 4.20 16.96 6.67
CA HIS A 152 4.69 18.33 6.81
C HIS A 152 4.44 19.20 5.58
N ASN A 153 4.25 18.57 4.42
CA ASN A 153 3.98 19.29 3.16
C ASN A 153 2.49 19.43 2.81
N MET A 154 1.62 18.92 3.68
CA MET A 154 0.19 19.09 3.43
C MET A 154 -0.18 20.55 3.68
N THR A 155 -1.34 20.97 3.19
CA THR A 155 -1.78 22.34 3.40
C THR A 155 -3.14 22.30 4.09
N PRO A 156 -3.17 22.63 5.40
CA PRO A 156 -2.05 22.99 6.26
C PRO A 156 -1.21 21.78 6.71
N PRO A 157 0.06 22.01 7.09
CA PRO A 157 0.88 20.88 7.52
C PRO A 157 0.30 20.09 8.68
N LEU A 158 0.48 18.78 8.64
CA LEU A 158 0.07 17.91 9.74
C LEU A 158 1.34 17.52 10.49
N LEU A 159 1.29 17.64 11.80
CA LEU A 159 2.43 17.30 12.64
C LEU A 159 2.01 16.09 13.44
N HIS A 160 2.89 15.11 13.54
CA HIS A 160 2.54 13.86 14.18
C HIS A 160 2.55 13.95 15.71
N HIS A 161 3.62 14.56 16.24
CA HIS A 161 3.83 14.75 17.69
C HIS A 161 3.80 13.53 18.60
N ASP A 162 3.77 12.33 18.03
CA ASP A 162 3.90 11.15 18.89
C ASP A 162 4.64 9.99 18.17
N LEU A 163 5.66 10.34 17.38
CA LEU A 163 6.44 9.32 16.70
C LEU A 163 7.22 8.49 17.71
N LYS A 164 7.27 7.19 17.47
CA LYS A 164 7.98 6.25 18.32
C LYS A 164 8.03 4.95 17.54
N THR A 165 8.97 4.08 17.87
CA THR A 165 9.12 2.82 17.15
C THR A 165 7.86 1.92 17.23
N GLN A 166 7.03 2.13 18.26
CA GLN A 166 5.81 1.34 18.48
C GLN A 166 4.75 1.73 17.45
N ASN A 167 4.89 2.91 16.87
CA ASN A 167 3.94 3.49 15.91
C ASN A 167 4.38 3.38 14.46
N ILE A 168 5.53 2.75 14.24
CA ILE A 168 6.01 2.50 12.89
C ILE A 168 5.65 1.05 12.65
N LEU A 169 4.66 0.86 11.80
CA LEU A 169 4.15 -0.47 11.53
C LEU A 169 4.77 -1.01 10.23
N LEU A 170 4.89 -2.34 10.17
CA LEU A 170 5.57 -3.00 9.06
C LEU A 170 4.67 -3.99 8.31
N ASP A 171 4.59 -3.84 7.00
CA ASP A 171 3.75 -4.73 6.21
C ASP A 171 4.52 -6.02 5.90
N ASN A 172 3.94 -6.86 5.02
CA ASN A 172 4.47 -8.16 4.67
C ASN A 172 5.88 -8.17 4.11
N GLU A 173 6.27 -7.08 3.47
CA GLU A 173 7.61 -7.01 2.91
C GLU A 173 8.44 -6.00 3.65
N PHE A 174 8.05 -5.71 4.90
CA PHE A 174 8.74 -4.77 5.78
C PHE A 174 8.82 -3.32 5.29
N HIS A 175 7.79 -2.89 4.57
CA HIS A 175 7.65 -1.50 4.18
C HIS A 175 6.91 -0.78 5.31
N VAL A 176 7.20 0.50 5.48
CA VAL A 176 6.70 1.30 6.59
C VAL A 176 5.28 1.87 6.46
N LYS A 177 4.49 1.78 7.52
CA LYS A 177 3.20 2.46 7.61
C LYS A 177 3.16 3.17 8.96
N ILE A 178 3.08 4.50 8.94
CA ILE A 178 3.03 5.31 10.17
C ILE A 178 1.62 5.33 10.74
N ALA A 179 1.50 5.05 12.03
CA ALA A 179 0.21 4.99 12.69
C ALA A 179 0.16 5.89 13.93
N ASP A 180 -1.00 5.91 14.61
CA ASP A 180 -1.25 6.66 15.86
C ASP A 180 -1.14 8.18 15.72
N PHE A 181 -2.21 8.75 15.23
CA PHE A 181 -2.33 10.19 15.02
C PHE A 181 -3.20 10.83 16.12
N GLY A 182 -3.32 10.13 17.25
CA GLY A 182 -4.09 10.62 18.39
C GLY A 182 -3.63 11.98 18.90
N LEU A 183 -2.32 12.16 19.03
CA LEU A 183 -1.76 13.41 19.52
C LEU A 183 -1.36 14.35 18.39
N SER A 184 -1.64 13.95 17.15
CA SER A 184 -1.22 14.74 15.98
C SER A 184 -2.05 16.01 15.83
N LYS A 185 -1.47 17.03 15.19
CA LYS A 185 -2.17 18.31 15.00
C LYS A 185 -1.93 19.03 13.67
N TRP A 186 -2.96 19.73 13.21
CA TRP A 186 -2.89 20.56 12.01
C TRP A 186 -2.27 21.90 12.41
N ARG A 187 -1.23 22.34 11.72
CA ARG A 187 -0.62 23.63 12.05
C ARG A 187 -1.49 24.76 11.51
N MET A 188 -2.30 25.34 12.40
CA MET A 188 -3.23 26.42 12.07
C MET A 188 -2.96 27.66 12.93
N GLU A 202 -3.28 9.79 29.22
CA GLU A 202 -2.55 8.96 28.27
C GLU A 202 -1.06 8.88 28.64
N GLY A 203 -0.70 7.85 29.41
CA GLY A 203 0.68 7.64 29.86
C GLY A 203 1.54 6.73 29.00
N GLY A 204 2.59 7.30 28.39
CA GLY A 204 3.55 6.56 27.57
C GLY A 204 4.98 7.02 27.86
N THR A 205 5.95 6.55 27.07
CA THR A 205 7.36 6.95 27.24
C THR A 205 7.57 8.39 26.78
N ILE A 206 8.61 9.01 27.33
CA ILE A 206 8.94 10.38 27.00
C ILE A 206 10.24 10.48 26.19
N ILE A 207 10.89 9.33 25.99
CA ILE A 207 12.19 9.27 25.29
C ILE A 207 12.25 9.89 23.89
N TYR A 208 11.11 10.02 23.22
CA TYR A 208 11.13 10.58 21.87
C TYR A 208 10.64 12.03 21.87
N MET A 209 10.47 12.59 23.06
CA MET A 209 9.90 13.94 23.21
C MET A 209 10.94 15.02 23.41
N PRO A 210 10.93 16.05 22.55
CA PRO A 210 11.89 17.15 22.68
C PRO A 210 11.68 17.84 24.04
N PRO A 211 12.77 18.25 24.71
CA PRO A 211 12.72 18.85 26.06
C PRO A 211 11.87 20.12 26.22
N GLU A 212 11.75 20.91 25.17
CA GLU A 212 10.92 22.12 25.23
C GLU A 212 9.43 21.85 25.35
N ASN A 213 9.03 20.62 25.04
N ASN A 213 9.02 20.63 25.02
CA ASN A 213 7.62 20.20 25.08
CA ASN A 213 7.63 20.26 25.12
C ASN A 213 7.23 19.63 26.45
C ASN A 213 7.35 19.43 26.38
N TYR A 214 8.17 19.67 27.39
CA TYR A 214 7.98 19.09 28.74
C TYR A 214 7.04 19.90 29.65
N GLU A 215 7.26 21.21 29.70
CA GLU A 215 6.50 22.15 30.52
C GLU A 215 5.64 23.04 29.61
N PRO A 216 4.51 23.57 30.15
CA PRO A 216 3.60 24.43 29.37
C PRO A 216 3.83 25.93 29.62
N SER A 223 4.79 23.52 17.43
CA SER A 223 6.20 23.44 17.05
C SER A 223 6.44 22.43 15.94
N ILE A 224 6.91 22.91 14.79
CA ILE A 224 7.20 22.06 13.62
C ILE A 224 8.51 21.27 13.76
N LYS A 225 9.21 21.45 14.88
CA LYS A 225 10.50 20.80 15.10
C LYS A 225 10.43 19.65 16.13
N HIS A 226 9.22 19.23 16.46
CA HIS A 226 9.02 18.12 17.42
C HIS A 226 9.42 16.77 16.77
N ASP A 227 8.79 16.49 15.62
CA ASP A 227 8.95 15.21 14.92
C ASP A 227 10.40 14.81 14.63
N ILE A 228 11.17 15.76 14.12
CA ILE A 228 12.58 15.50 13.81
C ILE A 228 13.36 15.01 15.03
N TYR A 229 13.04 15.54 16.21
CA TYR A 229 13.71 15.11 17.45
C TYR A 229 13.39 13.64 17.68
N SER A 230 12.12 13.27 17.55
CA SER A 230 11.64 11.90 17.71
C SER A 230 12.33 10.98 16.70
N TYR A 231 12.39 11.46 15.45
CA TYR A 231 13.04 10.77 14.37
C TYR A 231 14.52 10.47 14.67
N ALA A 232 15.20 11.46 15.22
CA ALA A 232 16.60 11.32 15.58
C ALA A 232 16.80 10.22 16.61
N VAL A 233 15.91 10.16 17.59
CA VAL A 233 15.98 9.11 18.61
C VAL A 233 15.69 7.77 17.94
N ILE A 234 14.70 7.78 17.03
CA ILE A 234 14.33 6.57 16.28
C ILE A 234 15.53 6.06 15.47
N THR A 235 16.21 6.99 14.79
CA THR A 235 17.41 6.66 14.01
C THR A 235 18.52 6.02 14.86
N TRP A 236 18.76 6.58 16.05
CA TRP A 236 19.74 6.03 16.99
C TRP A 236 19.30 4.65 17.42
N GLU A 237 18.01 4.52 17.75
CA GLU A 237 17.47 3.24 18.19
C GLU A 237 17.59 2.18 17.07
N VAL A 238 17.27 2.58 15.83
CA VAL A 238 17.36 1.67 14.67
C VAL A 238 18.80 1.21 14.45
N LEU A 239 19.73 2.16 14.42
CA LEU A 239 21.14 1.84 14.20
C LEU A 239 21.83 1.07 15.35
N SER A 240 21.31 1.20 16.56
CA SER A 240 21.94 0.56 17.72
C SER A 240 21.23 -0.67 18.28
N ARG A 241 19.93 -0.81 18.00
CA ARG A 241 19.10 -1.89 18.57
C ARG A 241 19.19 -1.81 20.10
N LYS A 242 19.38 -0.59 20.61
CA LYS A 242 19.48 -0.33 22.03
C LYS A 242 18.31 0.53 22.50
N GLN A 243 17.84 0.24 23.71
CA GLN A 243 16.78 1.04 24.34
C GLN A 243 17.42 2.38 24.72
N PRO A 244 16.86 3.52 24.25
CA PRO A 244 17.46 4.83 24.61
C PRO A 244 17.42 5.08 26.12
N PHE A 245 18.52 5.62 26.66
CA PHE A 245 18.65 5.86 28.12
C PHE A 245 18.49 4.56 28.88
N GLU A 246 19.11 3.51 28.34
CA GLU A 246 19.14 2.14 28.87
C GLU A 246 19.45 2.07 30.36
N ASP A 247 20.48 2.80 30.78
CA ASP A 247 20.98 2.80 32.15
C ASP A 247 20.04 3.43 33.18
N VAL A 248 19.40 4.53 32.77
CA VAL A 248 18.48 5.30 33.61
C VAL A 248 17.14 4.59 33.78
N THR A 249 16.83 4.16 35.00
CA THR A 249 15.56 3.42 35.29
C THR A 249 14.32 4.31 35.48
N ASN A 250 14.52 5.47 36.11
CA ASN A 250 13.46 6.43 36.40
C ASN A 250 13.25 7.43 35.26
N PRO A 251 12.07 7.37 34.62
CA PRO A 251 11.76 8.29 33.51
C PRO A 251 11.91 9.78 33.85
N LEU A 252 11.72 10.17 35.11
CA LEU A 252 11.93 11.58 35.49
C LEU A 252 13.38 11.97 35.34
N GLN A 253 14.26 11.06 35.78
CA GLN A 253 15.70 11.27 35.69
C GLN A 253 16.10 11.54 34.23
N ILE A 254 15.52 10.76 33.31
CA ILE A 254 15.72 10.95 31.86
C ILE A 254 15.36 12.40 31.50
N MET A 255 14.15 12.82 31.84
CA MET A 255 13.69 14.19 31.55
C MET A 255 14.67 15.25 32.08
N TYR A 256 15.17 15.06 33.31
CA TYR A 256 16.17 15.97 33.84
C TYR A 256 17.38 15.95 32.92
N SER A 257 17.98 14.76 32.80
CA SER A 257 19.14 14.55 31.93
C SER A 257 18.98 15.24 30.58
N VAL A 258 17.89 14.93 29.88
CA VAL A 258 17.61 15.50 28.57
C VAL A 258 17.57 17.03 28.57
N SER A 259 16.90 17.64 29.55
CA SER A 259 16.83 19.11 29.64
C SER A 259 18.22 19.69 29.88
N GLN A 260 19.00 18.97 30.68
CA GLN A 260 20.40 19.31 30.95
C GLN A 260 21.33 18.94 29.76
N GLY A 261 20.76 18.85 28.55
CA GLY A 261 21.52 18.59 27.32
C GLY A 261 21.85 17.16 26.93
N HIS A 262 21.84 16.24 27.90
CA HIS A 262 22.12 14.81 27.69
C HIS A 262 21.28 14.15 26.58
N ARG A 263 21.85 13.12 25.95
CA ARG A 263 21.19 12.37 24.90
C ARG A 263 21.58 10.89 25.00
N PRO A 264 20.96 10.01 24.17
CA PRO A 264 21.43 8.63 24.23
C PRO A 264 22.89 8.56 23.75
N VAL A 265 23.63 7.68 24.41
CA VAL A 265 25.08 7.52 24.21
C VAL A 265 25.52 7.26 22.76
N ILE A 266 26.33 8.16 22.21
CA ILE A 266 26.90 7.94 20.89
C ILE A 266 28.38 7.58 21.00
N ASN A 267 28.66 6.33 21.35
CA ASN A 267 30.03 5.84 21.40
C ASN A 267 30.17 4.60 20.51
N GLU A 268 31.31 3.90 20.55
CA GLU A 268 31.52 2.70 19.75
C GLU A 268 30.64 1.54 20.24
N GLU A 269 30.49 1.46 21.56
CA GLU A 269 29.72 0.41 22.20
C GLU A 269 28.24 0.38 21.75
N SER A 270 27.67 1.54 21.43
CA SER A 270 26.28 1.63 21.00
C SER A 270 26.18 1.63 19.48
N LEU A 271 27.08 2.36 18.84
CA LEU A 271 27.15 2.45 17.38
C LEU A 271 28.55 2.02 16.86
N PRO A 272 28.72 0.72 16.52
CA PRO A 272 30.00 0.18 16.03
C PRO A 272 30.55 0.93 14.80
N TYR A 273 31.88 0.83 14.60
CA TYR A 273 32.52 1.53 13.48
C TYR A 273 32.12 0.99 12.12
N ASP A 274 31.75 -0.29 12.09
CA ASP A 274 31.36 -0.97 10.85
C ASP A 274 29.93 -0.68 10.35
N ILE A 275 29.33 0.41 10.82
CA ILE A 275 27.96 0.79 10.42
C ILE A 275 28.01 1.63 9.15
N PRO A 276 27.42 1.13 8.06
CA PRO A 276 27.41 1.84 6.78
C PRO A 276 27.10 3.32 6.95
N HIS A 277 27.97 4.18 6.42
CA HIS A 277 27.82 5.63 6.49
C HIS A 277 27.67 6.20 7.94
N ARG A 278 28.42 5.62 8.88
CA ARG A 278 28.33 6.00 10.28
C ARG A 278 28.39 7.52 10.52
N ALA A 279 29.44 8.16 10.02
CA ALA A 279 29.65 9.60 10.19
C ALA A 279 28.48 10.45 9.67
N ARG A 280 27.99 10.12 8.48
CA ARG A 280 26.89 10.86 7.89
C ARG A 280 25.61 10.68 8.75
N MET A 281 25.46 9.49 9.34
CA MET A 281 24.30 9.19 10.16
C MET A 281 24.32 9.91 11.50
N ILE A 282 25.46 9.81 12.19
CA ILE A 282 25.64 10.48 13.48
C ILE A 282 25.44 11.99 13.34
N SER A 283 25.92 12.55 12.23
CA SER A 283 25.69 13.94 11.93
C SER A 283 24.18 14.21 11.90
N LEU A 284 23.44 13.36 11.19
CA LEU A 284 22.00 13.50 11.08
C LEU A 284 21.30 13.37 12.43
N ILE A 285 21.67 12.35 13.20
CA ILE A 285 21.14 12.14 14.54
C ILE A 285 21.39 13.35 15.44
N GLU A 286 22.63 13.84 15.44
CA GLU A 286 23.01 14.97 16.29
C GLU A 286 22.30 16.27 15.95
N SER A 287 22.15 16.57 14.65
CA SER A 287 21.44 17.79 14.27
C SER A 287 19.93 17.62 14.52
N GLY A 288 19.47 16.39 14.42
CA GLY A 288 18.06 16.05 14.61
C GLY A 288 17.58 16.27 16.03
N TRP A 289 18.38 15.85 17.01
CA TRP A 289 18.00 16.02 18.41
C TRP A 289 18.70 17.19 19.13
N ALA A 290 19.01 18.26 18.40
CA ALA A 290 19.65 19.44 18.99
C ALA A 290 18.79 20.02 20.10
N GLN A 291 19.41 20.64 21.10
CA GLN A 291 18.68 21.33 22.17
C GLN A 291 17.92 22.54 21.60
N ASN A 292 18.48 23.20 20.59
CA ASN A 292 17.83 24.35 19.95
C ASN A 292 17.06 23.99 18.66
N PRO A 293 15.71 24.00 18.75
CA PRO A 293 14.80 23.71 17.64
C PRO A 293 15.15 24.37 16.31
N ASP A 294 15.78 25.55 16.36
CA ASP A 294 16.16 26.28 15.16
C ASP A 294 17.29 25.58 14.39
N GLU A 295 18.16 24.89 15.12
CA GLU A 295 19.28 24.14 14.53
C GLU A 295 18.86 22.85 13.82
N ARG A 296 17.82 22.21 14.36
CA ARG A 296 17.26 20.97 13.81
C ARG A 296 16.83 21.13 12.35
N PRO A 297 17.15 20.13 11.50
CA PRO A 297 16.81 20.21 10.07
C PRO A 297 15.39 19.79 9.74
N SER A 298 14.95 20.15 8.55
CA SER A 298 13.66 19.72 8.06
C SER A 298 13.74 18.24 7.60
N PHE A 299 12.59 17.63 7.32
CA PHE A 299 12.58 16.27 6.80
C PHE A 299 13.09 16.23 5.36
N LEU A 300 12.76 17.27 4.59
CA LEU A 300 13.25 17.44 3.22
C LEU A 300 14.77 17.37 3.18
N LYS A 301 15.41 18.01 4.17
CA LYS A 301 16.86 18.01 4.25
C LYS A 301 17.37 16.61 4.51
N CYS A 302 16.72 15.88 5.41
CA CYS A 302 17.10 14.51 5.71
C CYS A 302 16.98 13.62 4.47
N LEU A 303 15.89 13.80 3.73
CA LEU A 303 15.67 13.02 2.52
C LEU A 303 16.82 13.21 1.53
N ILE A 304 17.17 14.47 1.31
CA ILE A 304 18.29 14.86 0.46
C ILE A 304 19.60 14.16 0.86
N GLU A 305 19.80 13.96 2.16
CA GLU A 305 20.98 13.30 2.71
C GLU A 305 20.90 11.78 2.57
N LEU A 306 19.70 11.23 2.82
CA LEU A 306 19.46 9.79 2.79
C LEU A 306 19.40 9.18 1.40
N GLU A 307 18.92 9.94 0.42
CA GLU A 307 18.84 9.44 -0.96
C GLU A 307 20.13 8.77 -1.48
N PRO A 308 21.30 9.45 -1.40
CA PRO A 308 22.53 8.77 -1.85
C PRO A 308 22.88 7.52 -1.06
N VAL A 309 22.57 7.50 0.24
CA VAL A 309 22.88 6.34 1.07
C VAL A 309 22.10 5.11 0.58
N LEU A 310 20.80 5.28 0.34
CA LEU A 310 19.95 4.18 -0.12
C LEU A 310 20.36 3.64 -1.47
N ARG A 311 20.87 4.51 -2.34
CA ARG A 311 21.34 4.09 -3.65
C ARG A 311 22.57 3.16 -3.61
N THR A 312 23.26 3.06 -2.47
CA THR A 312 24.42 2.19 -2.36
C THR A 312 24.06 0.72 -2.14
N PHE A 313 22.77 0.42 -1.92
CA PHE A 313 22.35 -0.96 -1.66
C PHE A 313 21.63 -1.54 -2.87
N GLU A 314 22.02 -2.73 -3.30
CA GLU A 314 21.34 -3.35 -4.43
C GLU A 314 19.96 -3.83 -4.00
N GLU A 315 19.03 -3.83 -4.94
CA GLU A 315 17.65 -4.20 -4.69
C GLU A 315 17.54 -5.56 -4.00
N ILE A 316 18.33 -6.52 -4.48
CA ILE A 316 18.30 -7.88 -3.95
C ILE A 316 18.47 -7.98 -2.43
N THR A 317 19.24 -7.07 -1.84
CA THR A 317 19.51 -7.09 -0.40
C THR A 317 18.29 -6.90 0.50
N PHE A 318 17.31 -6.13 0.01
CA PHE A 318 16.08 -5.93 0.80
C PHE A 318 15.28 -7.22 0.88
N LEU A 319 15.14 -7.90 -0.26
CA LEU A 319 14.39 -9.16 -0.32
C LEU A 319 15.10 -10.20 0.54
N GLU A 320 16.42 -10.21 0.46
CA GLU A 320 17.23 -11.11 1.27
C GLU A 320 16.99 -10.87 2.77
N ALA A 321 16.92 -9.60 3.17
CA ALA A 321 16.70 -9.23 4.56
C ALA A 321 15.34 -9.73 5.06
N VAL A 322 14.30 -9.56 4.23
CA VAL A 322 12.96 -10.02 4.57
C VAL A 322 12.88 -11.54 4.70
N ILE A 323 13.56 -12.28 3.81
CA ILE A 323 13.59 -13.74 3.91
C ILE A 323 14.36 -14.20 5.15
N GLN A 324 15.42 -13.48 5.49
CA GLN A 324 16.18 -13.81 6.69
C GLN A 324 15.30 -13.69 7.97
N LEU A 325 14.39 -12.72 7.96
CA LEU A 325 13.48 -12.49 9.10
C LEU A 325 12.29 -13.44 9.21
N LYS A 326 11.87 -14.04 8.09
CA LYS A 326 10.68 -14.89 8.10
C LYS A 326 10.80 -16.08 9.04
N GLU B 20 -19.79 12.07 11.12
CA GLU B 20 -20.18 12.99 10.02
C GLU B 20 -19.93 12.36 8.64
N ALA B 21 -20.10 13.15 7.57
CA ALA B 21 -19.83 12.69 6.21
C ALA B 21 -18.37 12.97 5.86
N ILE B 22 -17.46 12.34 6.62
CA ILE B 22 -16.00 12.50 6.49
C ILE B 22 -15.53 12.39 5.04
N CYS B 23 -15.03 13.51 4.50
CA CYS B 23 -14.56 13.58 3.12
C CYS B 23 -13.08 13.96 2.94
N SER B 24 -12.38 13.14 2.15
CA SER B 24 -10.97 13.34 1.82
C SER B 24 -10.88 13.94 0.43
N ALA B 25 -10.08 14.99 0.29
CA ALA B 25 -9.94 15.70 -0.98
C ALA B 25 -8.72 15.26 -1.76
N LEU B 26 -8.83 15.19 -3.08
CA LEU B 26 -7.71 14.81 -3.94
C LEU B 26 -6.80 16.02 -4.14
N PRO B 27 -5.52 15.92 -3.73
CA PRO B 27 -4.62 17.07 -3.87
C PRO B 27 -4.39 17.46 -5.33
N THR B 28 -4.16 18.74 -5.55
CA THR B 28 -3.86 19.26 -6.88
C THR B 28 -2.35 19.38 -6.98
N ILE B 29 -1.77 18.95 -8.09
CA ILE B 29 -0.32 18.97 -8.21
C ILE B 29 0.14 19.90 -9.33
N PRO B 30 0.90 20.95 -8.95
CA PRO B 30 1.48 21.88 -9.91
C PRO B 30 2.45 21.18 -10.85
N TYR B 31 2.20 21.26 -12.16
CA TYR B 31 3.04 20.63 -13.18
C TYR B 31 4.55 20.76 -12.97
N HIS B 32 4.97 21.89 -12.40
CA HIS B 32 6.38 22.14 -12.16
C HIS B 32 6.96 21.32 -11.02
N LYS B 33 6.07 20.68 -10.24
CA LYS B 33 6.47 19.80 -9.14
C LYS B 33 6.88 18.41 -9.63
N LEU B 34 6.45 18.07 -10.84
CA LEU B 34 6.72 16.79 -11.45
C LEU B 34 8.01 16.84 -12.27
N ALA B 35 9.14 16.64 -11.60
CA ALA B 35 10.44 16.65 -12.29
C ALA B 35 10.73 15.35 -13.05
N ASP B 36 11.62 15.44 -14.04
CA ASP B 36 12.09 14.30 -14.85
C ASP B 36 10.98 13.51 -15.56
N LEU B 37 9.98 14.21 -16.07
CA LEU B 37 8.86 13.62 -16.80
C LEU B 37 9.38 12.91 -18.06
N ARG B 38 9.27 11.57 -18.09
CA ARG B 38 9.76 10.73 -19.19
C ARG B 38 8.74 9.66 -19.60
N TYR B 39 8.59 9.45 -20.90
CA TYR B 39 7.69 8.44 -21.46
C TYR B 39 7.97 7.00 -20.95
N LEU B 40 6.90 6.24 -20.71
CA LEU B 40 6.98 4.83 -20.27
C LEU B 40 6.28 3.84 -21.21
N SER B 41 5.03 4.13 -21.52
CA SER B 41 4.20 3.31 -22.40
C SER B 41 2.98 4.13 -22.83
N ARG B 42 2.29 3.66 -23.87
CA ARG B 42 1.08 4.32 -24.38
C ARG B 42 0.01 3.27 -24.62
N GLY B 43 -1.22 3.59 -24.24
CA GLY B 43 -2.35 2.70 -24.44
C GLY B 43 -3.50 3.49 -25.02
N ALA B 44 -4.65 2.84 -25.17
CA ALA B 44 -5.84 3.51 -25.67
C ALA B 44 -6.32 4.57 -24.67
N SER B 45 -6.03 4.32 -23.39
CA SER B 45 -6.40 5.19 -22.27
C SER B 45 -5.61 6.50 -22.25
N GLY B 46 -4.35 6.43 -22.67
CA GLY B 46 -3.47 7.58 -22.70
C GLY B 46 -2.00 7.19 -22.69
N THR B 47 -1.14 8.18 -22.45
CA THR B 47 0.31 7.96 -22.39
C THR B 47 0.75 7.98 -20.94
N VAL B 48 1.57 7.02 -20.56
CA VAL B 48 2.06 6.94 -19.20
C VAL B 48 3.51 7.37 -19.15
N SER B 49 3.82 8.28 -18.23
CA SER B 49 5.16 8.79 -18.04
C SER B 49 5.56 8.67 -16.58
N SER B 50 6.86 8.46 -16.33
CA SER B 50 7.38 8.45 -14.98
C SER B 50 7.85 9.87 -14.62
N ALA B 51 7.99 10.14 -13.33
CA ALA B 51 8.45 11.44 -12.85
C ALA B 51 8.78 11.31 -11.38
N ARG B 52 9.34 12.37 -10.81
CA ARG B 52 9.63 12.38 -9.38
C ARG B 52 9.06 13.66 -8.82
N HIS B 53 8.32 13.53 -7.73
CA HIS B 53 7.73 14.70 -7.10
C HIS B 53 8.82 15.47 -6.36
N ALA B 54 8.92 16.76 -6.67
CA ALA B 54 9.96 17.65 -6.11
C ALA B 54 9.91 17.83 -4.60
N ASP B 55 8.71 17.88 -4.03
CA ASP B 55 8.58 18.07 -2.59
C ASP B 55 8.52 16.76 -1.81
N TRP B 56 7.73 15.80 -2.31
CA TRP B 56 7.52 14.52 -1.59
C TRP B 56 8.68 13.55 -1.77
N ARG B 57 9.50 13.81 -2.78
CA ARG B 57 10.70 13.03 -3.09
C ARG B 57 10.44 11.54 -3.32
N VAL B 58 9.36 11.27 -4.04
CA VAL B 58 9.01 9.90 -4.43
C VAL B 58 8.85 9.78 -5.94
N GLN B 59 8.97 8.56 -6.45
CA GLN B 59 8.77 8.36 -7.86
C GLN B 59 7.26 8.20 -8.04
N VAL B 60 6.73 8.80 -9.10
CA VAL B 60 5.30 8.72 -9.37
C VAL B 60 5.08 8.39 -10.84
N ALA B 61 3.84 8.08 -11.21
CA ALA B 61 3.47 7.83 -12.59
C ALA B 61 2.44 8.87 -13.00
N VAL B 62 2.44 9.24 -14.28
CA VAL B 62 1.52 10.27 -14.78
C VAL B 62 0.83 9.76 -16.03
N LYS B 63 -0.50 9.83 -16.04
CA LYS B 63 -1.29 9.40 -17.18
C LYS B 63 -1.93 10.62 -17.81
N HIS B 64 -1.43 10.99 -18.99
CA HIS B 64 -1.88 12.18 -19.71
C HIS B 64 -2.40 11.89 -21.12
N LEU B 65 -3.22 12.82 -21.64
CA LEU B 65 -3.76 12.74 -23.00
C LEU B 65 -2.68 12.99 -24.05
N HIS B 66 -2.87 12.44 -25.23
CA HIS B 66 -1.92 12.57 -26.34
C HIS B 66 -1.94 13.98 -26.93
N LEU B 71 -6.38 19.69 -26.90
CA LEU B 71 -6.99 19.63 -25.56
C LEU B 71 -8.51 19.83 -25.61
N LEU B 72 -9.22 18.80 -26.07
CA LEU B 72 -10.70 18.85 -26.22
C LEU B 72 -11.47 19.12 -24.91
N ASP B 73 -12.73 19.54 -25.06
CA ASP B 73 -13.60 19.87 -23.92
C ASP B 73 -14.17 18.64 -23.21
N SER B 74 -14.43 17.58 -23.97
CA SER B 74 -15.00 16.34 -23.40
C SER B 74 -13.93 15.34 -22.99
N GLU B 75 -12.78 15.36 -23.68
CA GLU B 75 -11.65 14.49 -23.35
C GLU B 75 -11.05 14.90 -22.00
N ARG B 76 -11.39 16.12 -21.56
CA ARG B 76 -10.92 16.68 -20.32
C ARG B 76 -11.77 16.15 -19.16
N LYS B 77 -13.05 15.95 -19.44
CA LYS B 77 -14.01 15.42 -18.46
C LYS B 77 -13.77 13.93 -18.25
N ASP B 78 -13.28 13.25 -19.30
CA ASP B 78 -12.94 11.83 -19.21
C ASP B 78 -11.86 11.63 -18.17
N VAL B 79 -10.77 12.38 -18.29
CA VAL B 79 -9.66 12.30 -17.35
C VAL B 79 -10.13 12.58 -15.92
N LEU B 80 -10.99 13.57 -15.77
CA LEU B 80 -11.55 13.94 -14.46
C LEU B 80 -12.48 12.87 -13.88
N ARG B 81 -13.18 12.16 -14.76
CA ARG B 81 -14.07 11.07 -14.34
C ARG B 81 -13.24 9.92 -13.77
N GLU B 82 -12.16 9.54 -14.48
CA GLU B 82 -11.28 8.46 -14.02
C GLU B 82 -10.65 8.81 -12.67
N ALA B 83 -10.13 10.03 -12.55
CA ALA B 83 -9.49 10.48 -11.33
C ALA B 83 -10.44 10.37 -10.14
N GLU B 84 -11.69 10.75 -10.35
CA GLU B 84 -12.70 10.67 -9.31
C GLU B 84 -12.98 9.21 -8.95
N ILE B 85 -12.97 8.34 -9.96
CA ILE B 85 -13.20 6.92 -9.71
C ILE B 85 -12.07 6.30 -8.87
N LEU B 86 -10.82 6.54 -9.26
CA LEU B 86 -9.66 6.08 -8.51
C LEU B 86 -9.66 6.61 -7.06
N HIS B 87 -10.06 7.87 -6.89
CA HIS B 87 -10.07 8.48 -5.57
C HIS B 87 -11.17 7.89 -4.69
N LYS B 88 -12.32 7.58 -5.29
CA LYS B 88 -13.45 6.99 -4.55
C LYS B 88 -13.30 5.49 -4.29
N ALA B 89 -12.66 4.80 -5.23
CA ALA B 89 -12.47 3.36 -5.14
C ALA B 89 -11.16 2.91 -4.46
N ARG B 90 -10.57 3.74 -3.59
CA ARG B 90 -9.35 3.40 -2.86
C ARG B 90 -9.46 2.09 -2.11
N PHE B 91 -8.44 1.24 -2.24
CA PHE B 91 -8.40 -0.08 -1.60
C PHE B 91 -7.03 -0.70 -1.87
N SER B 92 -6.67 -1.69 -1.04
CA SER B 92 -5.38 -2.38 -1.11
C SER B 92 -4.96 -2.91 -2.46
N TYR B 93 -5.94 -3.17 -3.34
CA TYR B 93 -5.62 -3.77 -4.65
C TYR B 93 -6.01 -2.87 -5.83
N ILE B 94 -6.30 -1.61 -5.54
CA ILE B 94 -6.60 -0.63 -6.59
C ILE B 94 -5.41 0.33 -6.68
N LEU B 95 -5.01 0.70 -7.90
CA LEU B 95 -3.86 1.64 -8.08
C LEU B 95 -4.13 2.92 -7.30
N PRO B 96 -3.25 3.25 -6.34
CA PRO B 96 -3.49 4.45 -5.53
C PRO B 96 -3.17 5.76 -6.26
N ILE B 97 -4.18 6.64 -6.33
CA ILE B 97 -4.07 7.95 -6.93
C ILE B 97 -3.42 8.90 -5.91
N LEU B 98 -2.44 9.67 -6.35
CA LEU B 98 -1.73 10.60 -5.48
C LEU B 98 -2.21 12.02 -5.65
N GLY B 99 -2.86 12.29 -6.78
CA GLY B 99 -3.37 13.62 -7.05
C GLY B 99 -3.58 13.89 -8.52
N ILE B 100 -4.18 15.04 -8.79
CA ILE B 100 -4.44 15.45 -10.17
C ILE B 100 -3.62 16.68 -10.57
N CYS B 101 -3.08 16.64 -11.79
CA CYS B 101 -2.35 17.77 -12.34
C CYS B 101 -3.26 18.40 -13.40
N ASN B 102 -4.03 19.39 -12.96
CA ASN B 102 -5.01 20.06 -13.83
C ASN B 102 -4.67 21.52 -14.12
N GLU B 103 -4.08 21.74 -15.28
CA GLU B 103 -3.66 23.08 -15.70
C GLU B 103 -4.04 23.34 -17.15
N PRO B 104 -4.10 24.62 -17.56
CA PRO B 104 -4.43 24.96 -18.94
C PRO B 104 -3.43 24.41 -19.95
N GLU B 105 -2.18 24.22 -19.51
CA GLU B 105 -1.10 23.72 -20.36
C GLU B 105 -0.89 22.19 -20.33
N PHE B 106 -1.30 21.55 -19.23
CA PHE B 106 -1.10 20.09 -19.07
C PHE B 106 -2.15 19.42 -18.19
N LEU B 107 -2.60 18.24 -18.61
CA LEU B 107 -3.59 17.47 -17.86
C LEU B 107 -3.20 16.00 -17.66
N GLY B 108 -3.05 15.62 -16.38
CA GLY B 108 -2.69 14.25 -16.03
C GLY B 108 -3.13 13.76 -14.67
N ILE B 109 -3.19 12.42 -14.56
CA ILE B 109 -3.51 11.73 -13.31
C ILE B 109 -2.18 11.28 -12.70
N VAL B 110 -1.97 11.59 -11.43
CA VAL B 110 -0.72 11.20 -10.75
C VAL B 110 -0.98 10.06 -9.77
N THR B 111 -0.30 8.94 -10.00
CA THR B 111 -0.50 7.76 -9.17
C THR B 111 0.83 7.26 -8.66
N GLU B 112 0.79 6.27 -7.79
CA GLU B 112 2.02 5.65 -7.33
C GLU B 112 2.67 4.99 -8.54
N TYR B 113 3.98 4.85 -8.48
CA TYR B 113 4.73 4.23 -9.55
C TYR B 113 4.75 2.71 -9.32
N MET B 114 4.45 1.96 -10.37
CA MET B 114 4.47 0.50 -10.31
C MET B 114 5.69 0.00 -11.10
N PRO B 115 6.78 -0.34 -10.41
CA PRO B 115 8.03 -0.68 -11.08
C PRO B 115 8.00 -1.91 -11.98
N ASN B 116 7.14 -2.86 -11.70
CA ASN B 116 7.17 -4.13 -12.44
C ASN B 116 6.15 -4.25 -13.57
N GLY B 117 5.55 -3.12 -13.93
CA GLY B 117 4.65 -3.06 -15.05
C GLY B 117 3.33 -3.78 -14.88
N SER B 118 2.96 -4.52 -15.93
CA SER B 118 1.68 -5.22 -15.99
C SER B 118 1.84 -6.73 -15.91
N LEU B 119 0.72 -7.40 -15.63
CA LEU B 119 0.68 -8.85 -15.61
C LEU B 119 0.99 -9.40 -17.00
N ASN B 120 0.59 -8.66 -18.04
CA ASN B 120 0.85 -9.08 -19.42
C ASN B 120 2.32 -9.30 -19.67
N GLU B 121 3.15 -8.35 -19.24
CA GLU B 121 4.59 -8.44 -19.42
C GLU B 121 5.16 -9.62 -18.64
N LEU B 122 4.69 -9.83 -17.40
CA LEU B 122 5.17 -10.95 -16.59
C LEU B 122 4.87 -12.33 -17.22
N LEU B 123 3.66 -12.51 -17.74
CA LEU B 123 3.30 -13.78 -18.32
C LEU B 123 3.98 -14.09 -19.66
N HIS B 124 4.17 -13.06 -20.48
CA HIS B 124 4.69 -13.27 -21.83
C HIS B 124 6.15 -12.95 -22.12
N ARG B 125 6.78 -12.11 -21.31
CA ARG B 125 8.22 -11.87 -21.49
C ARG B 125 8.97 -13.04 -20.86
N LYS B 126 9.00 -14.16 -21.60
CA LYS B 126 9.57 -15.44 -21.14
C LYS B 126 11.08 -15.59 -21.10
N THR B 127 11.82 -14.72 -21.78
CA THR B 127 13.26 -14.80 -21.65
C THR B 127 13.66 -13.95 -20.44
N GLU B 128 12.89 -12.87 -20.20
CA GLU B 128 13.07 -12.02 -19.04
C GLU B 128 12.65 -12.78 -17.76
N TYR B 129 11.54 -13.52 -17.85
CA TYR B 129 11.03 -14.27 -16.70
C TYR B 129 10.81 -15.73 -17.06
N PRO B 130 11.89 -16.52 -17.14
CA PRO B 130 11.65 -17.93 -17.50
C PRO B 130 10.76 -18.69 -16.50
N ASP B 131 10.89 -18.38 -15.21
CA ASP B 131 10.11 -19.05 -14.15
C ASP B 131 9.26 -18.10 -13.35
N VAL B 132 7.99 -18.47 -13.18
CA VAL B 132 7.07 -17.71 -12.36
C VAL B 132 6.39 -18.77 -11.50
N ALA B 133 6.97 -19.01 -10.32
CA ALA B 133 6.49 -20.05 -9.42
C ALA B 133 4.99 -19.98 -9.16
N TRP B 134 4.37 -21.16 -9.01
CA TRP B 134 2.92 -21.25 -8.76
C TRP B 134 2.39 -20.38 -7.61
N PRO B 135 3.13 -20.30 -6.48
CA PRO B 135 2.57 -19.48 -5.38
C PRO B 135 2.27 -18.05 -5.81
N LEU B 136 3.18 -17.44 -6.55
CA LEU B 136 2.97 -16.07 -6.98
C LEU B 136 1.81 -15.95 -7.98
N ARG B 137 1.67 -16.92 -8.90
CA ARG B 137 0.57 -16.89 -9.87
C ARG B 137 -0.75 -16.96 -9.13
N PHE B 138 -0.84 -17.85 -8.15
CA PHE B 138 -2.06 -17.95 -7.35
C PHE B 138 -2.31 -16.70 -6.50
N ARG B 139 -1.24 -16.04 -6.04
CA ARG B 139 -1.41 -14.83 -5.24
C ARG B 139 -1.98 -13.69 -6.08
N ILE B 140 -1.46 -13.56 -7.31
CA ILE B 140 -1.93 -12.55 -8.26
C ILE B 140 -3.41 -12.80 -8.55
N LEU B 141 -3.76 -14.06 -8.80
CA LEU B 141 -5.17 -14.43 -9.06
C LEU B 141 -6.12 -14.05 -7.92
N HIS B 142 -5.68 -14.30 -6.69
CA HIS B 142 -6.44 -13.96 -5.49
C HIS B 142 -6.60 -12.45 -5.32
N GLU B 143 -5.51 -11.70 -5.51
CA GLU B 143 -5.55 -10.24 -5.39
C GLU B 143 -6.45 -9.57 -6.45
N ILE B 144 -6.32 -10.00 -7.71
CA ILE B 144 -7.20 -9.51 -8.78
C ILE B 144 -8.65 -9.67 -8.31
N ALA B 145 -8.99 -10.88 -7.86
CA ALA B 145 -10.35 -11.14 -7.39
C ALA B 145 -10.75 -10.25 -6.20
N LEU B 146 -9.82 -10.02 -5.27
CA LEU B 146 -10.09 -9.16 -4.10
C LEU B 146 -10.37 -7.73 -4.55
N GLY B 147 -9.61 -7.27 -5.54
CA GLY B 147 -9.80 -5.95 -6.10
C GLY B 147 -11.16 -5.76 -6.78
N VAL B 148 -11.54 -6.71 -7.64
CA VAL B 148 -12.81 -6.60 -8.33
C VAL B 148 -13.97 -6.75 -7.36
N ASN B 149 -13.86 -7.69 -6.44
CA ASN B 149 -14.88 -7.89 -5.41
C ASN B 149 -15.17 -6.59 -4.65
N TYR B 150 -14.10 -5.84 -4.32
CA TYR B 150 -14.27 -4.57 -3.62
C TYR B 150 -15.09 -3.59 -4.45
N LEU B 151 -14.77 -3.45 -5.74
CA LEU B 151 -15.53 -2.59 -6.63
C LEU B 151 -17.02 -3.00 -6.67
N HIS B 152 -17.29 -4.30 -6.77
CA HIS B 152 -18.67 -4.80 -6.80
C HIS B 152 -19.43 -4.57 -5.50
N ASN B 153 -18.68 -4.40 -4.41
CA ASN B 153 -19.24 -4.19 -3.08
C ASN B 153 -19.38 -2.73 -2.69
N MET B 154 -18.91 -1.83 -3.56
CA MET B 154 -19.08 -0.42 -3.31
C MET B 154 -20.56 -0.07 -3.49
N THR B 155 -20.93 1.11 -3.04
CA THR B 155 -22.30 1.57 -3.19
C THR B 155 -22.36 2.95 -3.87
N PRO B 156 -22.93 3.00 -5.07
CA PRO B 156 -23.47 1.85 -5.80
C PRO B 156 -22.33 0.96 -6.37
N PRO B 157 -22.64 -0.30 -6.71
CA PRO B 157 -21.63 -1.20 -7.26
C PRO B 157 -20.91 -0.57 -8.43
N LEU B 158 -19.59 -0.71 -8.46
CA LEU B 158 -18.78 -0.21 -9.56
C LEU B 158 -18.35 -1.43 -10.33
N LEU B 159 -18.59 -1.40 -11.64
CA LEU B 159 -18.24 -2.50 -12.52
C LEU B 159 -17.04 -2.06 -13.35
N HIS B 160 -16.04 -2.92 -13.48
CA HIS B 160 -14.81 -2.56 -14.19
C HIS B 160 -15.03 -2.48 -15.71
N HIS B 161 -15.51 -3.58 -16.28
CA HIS B 161 -15.80 -3.73 -17.72
C HIS B 161 -14.64 -3.62 -18.71
N ASP B 162 -13.39 -3.56 -18.23
CA ASP B 162 -12.26 -3.60 -19.16
C ASP B 162 -11.04 -4.35 -18.58
N LEU B 163 -11.29 -5.41 -17.82
CA LEU B 163 -10.20 -6.17 -17.24
C LEU B 163 -9.41 -6.92 -18.29
N LYS B 164 -8.11 -6.71 -18.27
CA LYS B 164 -7.18 -7.41 -19.15
C LYS B 164 -5.87 -7.49 -18.40
N THR B 165 -4.97 -8.38 -18.83
CA THR B 165 -3.67 -8.51 -18.18
C THR B 165 -2.83 -7.21 -18.27
N GLN B 166 -3.10 -6.41 -19.31
CA GLN B 166 -2.38 -5.17 -19.57
C GLN B 166 -2.65 -4.12 -18.52
N ASN B 167 -3.82 -4.18 -17.88
CA ASN B 167 -4.15 -3.20 -16.83
C ASN B 167 -4.23 -3.74 -15.39
N ILE B 168 -3.54 -4.84 -15.15
CA ILE B 168 -3.34 -5.39 -13.83
C ILE B 168 -1.87 -5.10 -13.59
N LEU B 169 -1.60 -4.09 -12.76
CA LEU B 169 -0.23 -3.64 -12.53
C LEU B 169 0.39 -4.31 -11.29
N LEU B 170 1.73 -4.33 -11.27
CA LEU B 170 2.51 -5.01 -10.26
C LEU B 170 3.50 -4.09 -9.57
N ASP B 171 3.36 -3.95 -8.24
CA ASP B 171 4.23 -3.08 -7.45
C ASP B 171 5.62 -3.70 -7.25
N ASN B 172 6.46 -3.07 -6.42
CA ASN B 172 7.82 -3.53 -6.25
C ASN B 172 8.00 -5.00 -5.80
N GLU B 173 7.03 -5.53 -5.05
CA GLU B 173 7.07 -6.95 -4.62
C GLU B 173 6.03 -7.82 -5.30
N PHE B 174 5.56 -7.36 -6.46
CA PHE B 174 4.64 -8.10 -7.31
C PHE B 174 3.24 -8.32 -6.75
N HIS B 175 2.79 -7.35 -5.96
CA HIS B 175 1.41 -7.33 -5.50
C HIS B 175 0.60 -6.55 -6.55
N VAL B 176 -0.69 -6.89 -6.64
CA VAL B 176 -1.57 -6.37 -7.66
C VAL B 176 -2.17 -5.00 -7.35
N LYS B 177 -2.22 -4.15 -8.36
CA LYS B 177 -2.91 -2.86 -8.30
C LYS B 177 -3.69 -2.79 -9.58
N ILE B 178 -5.00 -2.78 -9.45
CA ILE B 178 -5.93 -2.71 -10.59
C ILE B 178 -6.03 -1.26 -11.11
N ALA B 179 -6.08 -1.11 -12.44
CA ALA B 179 -6.18 0.20 -13.06
C ALA B 179 -7.09 0.20 -14.30
N ASP B 180 -7.21 1.38 -14.93
CA ASP B 180 -8.03 1.66 -16.14
C ASP B 180 -9.52 1.54 -15.90
N PHE B 181 -10.08 2.63 -15.39
CA PHE B 181 -11.52 2.74 -15.15
C PHE B 181 -12.22 3.67 -16.18
N GLY B 182 -11.81 3.58 -17.44
CA GLY B 182 -12.41 4.36 -18.51
C GLY B 182 -13.79 3.86 -18.88
N LEU B 183 -13.91 2.57 -19.11
CA LEU B 183 -15.19 1.94 -19.47
C LEU B 183 -15.98 1.53 -18.23
N SER B 184 -15.47 1.89 -17.05
CA SER B 184 -16.07 1.50 -15.77
C SER B 184 -17.37 2.25 -15.46
N LYS B 185 -18.41 1.48 -15.12
CA LYS B 185 -19.75 2.01 -14.86
C LYS B 185 -20.23 1.84 -13.41
N TRP B 186 -21.02 2.80 -12.92
CA TRP B 186 -21.66 2.74 -11.61
C TRP B 186 -23.06 2.18 -11.84
N ARG B 187 -23.34 0.98 -11.30
CA ARG B 187 -24.64 0.32 -11.51
C ARG B 187 -25.86 1.04 -10.93
N THR B 205 -8.51 -4.74 -27.52
CA THR B 205 -8.60 -6.20 -27.55
C THR B 205 -9.96 -6.65 -27.05
N ILE B 206 -10.43 -7.79 -27.56
CA ILE B 206 -11.74 -8.33 -27.19
C ILE B 206 -11.70 -9.74 -26.62
N ILE B 207 -10.51 -10.25 -26.36
CA ILE B 207 -10.37 -11.62 -25.87
C ILE B 207 -10.91 -11.84 -24.45
N TYR B 208 -11.11 -10.75 -23.70
CA TYR B 208 -11.64 -10.84 -22.35
C TYR B 208 -13.11 -10.42 -22.25
N MET B 209 -13.72 -10.12 -23.39
CA MET B 209 -15.10 -9.64 -23.45
C MET B 209 -16.11 -10.78 -23.58
N PRO B 210 -17.14 -10.82 -22.70
CA PRO B 210 -18.13 -11.88 -22.79
C PRO B 210 -18.95 -11.74 -24.10
N PRO B 211 -19.40 -12.87 -24.69
CA PRO B 211 -20.09 -12.82 -25.99
C PRO B 211 -21.34 -11.96 -26.05
N GLU B 212 -22.10 -11.89 -24.97
CA GLU B 212 -23.33 -11.08 -24.95
C GLU B 212 -23.04 -9.59 -25.12
N ASN B 213 -21.83 -9.18 -24.76
CA ASN B 213 -21.44 -7.78 -24.84
C ASN B 213 -21.05 -7.33 -26.26
N TYR B 214 -21.01 -8.24 -27.24
CA TYR B 214 -20.68 -7.84 -28.61
C TYR B 214 -21.76 -6.94 -29.23
N GLU B 215 -23.00 -7.11 -28.78
CA GLU B 215 -24.11 -6.27 -29.24
C GLU B 215 -24.88 -5.66 -28.08
N SER B 223 -24.53 -5.14 -16.86
CA SER B 223 -24.45 -6.54 -16.43
C SER B 223 -23.36 -6.78 -15.41
N ILE B 224 -23.74 -7.34 -14.26
CA ILE B 224 -22.79 -7.71 -13.20
C ILE B 224 -21.94 -8.92 -13.54
N LYS B 225 -22.27 -9.65 -14.60
CA LYS B 225 -21.56 -10.88 -14.94
C LYS B 225 -20.49 -10.74 -16.02
N HIS B 226 -20.11 -9.49 -16.33
CA HIS B 226 -19.10 -9.23 -17.33
C HIS B 226 -17.69 -9.53 -16.78
N ASP B 227 -17.35 -8.89 -15.65
CA ASP B 227 -16.00 -8.97 -15.07
C ASP B 227 -15.50 -10.38 -14.76
N ILE B 228 -16.40 -11.23 -14.26
CA ILE B 228 -16.05 -12.62 -13.93
C ILE B 228 -15.66 -13.42 -15.19
N TYR B 229 -16.21 -13.01 -16.36
CA TYR B 229 -15.90 -13.66 -17.63
C TYR B 229 -14.47 -13.34 -17.94
N SER B 230 -14.14 -12.05 -17.82
CA SER B 230 -12.80 -11.53 -18.07
C SER B 230 -11.82 -12.18 -17.11
N TYR B 231 -12.24 -12.36 -15.86
CA TYR B 231 -11.40 -12.96 -14.83
C TYR B 231 -11.06 -14.38 -15.20
N ALA B 232 -12.04 -15.09 -15.76
CA ALA B 232 -11.86 -16.48 -16.16
C ALA B 232 -10.79 -16.60 -17.23
N VAL B 233 -10.88 -15.73 -18.26
CA VAL B 233 -9.89 -15.71 -19.35
C VAL B 233 -8.48 -15.43 -18.78
N ILE B 234 -8.40 -14.41 -17.91
CA ILE B 234 -7.15 -14.04 -17.26
C ILE B 234 -6.55 -15.23 -16.49
N THR B 235 -7.42 -15.95 -15.78
CA THR B 235 -7.00 -17.08 -14.98
C THR B 235 -6.39 -18.12 -15.89
N TRP B 236 -7.04 -18.36 -17.03
CA TRP B 236 -6.57 -19.34 -18.01
C TRP B 236 -5.18 -18.92 -18.52
N GLU B 237 -5.03 -17.63 -18.80
CA GLU B 237 -3.80 -17.03 -19.31
C GLU B 237 -2.66 -17.15 -18.30
N VAL B 238 -2.93 -16.83 -17.04
CA VAL B 238 -1.94 -16.94 -15.97
C VAL B 238 -1.42 -18.38 -15.78
N LEU B 239 -2.32 -19.34 -15.83
CA LEU B 239 -1.94 -20.72 -15.59
C LEU B 239 -1.28 -21.39 -16.80
N SER B 240 -1.48 -20.81 -17.98
CA SER B 240 -0.92 -21.39 -19.18
C SER B 240 0.25 -20.59 -19.74
N ARG B 241 0.36 -19.32 -19.36
CA ARG B 241 1.33 -18.39 -19.96
C ARG B 241 1.19 -18.39 -21.48
N LYS B 242 -0.02 -18.66 -21.98
CA LYS B 242 -0.28 -18.63 -23.41
C LYS B 242 -1.26 -17.53 -23.74
N GLN B 243 -1.18 -17.03 -24.97
CA GLN B 243 -2.13 -16.05 -25.46
C GLN B 243 -3.43 -16.78 -25.79
N PRO B 244 -4.57 -16.31 -25.26
CA PRO B 244 -5.86 -16.93 -25.58
C PRO B 244 -6.10 -16.94 -27.10
N PHE B 245 -6.55 -18.07 -27.65
CA PHE B 245 -6.79 -18.21 -29.09
C PHE B 245 -5.51 -17.85 -29.88
N GLU B 246 -4.44 -18.62 -29.69
CA GLU B 246 -3.16 -18.34 -30.34
C GLU B 246 -3.15 -18.44 -31.86
N ASP B 247 -3.76 -19.51 -32.37
CA ASP B 247 -3.78 -19.78 -33.80
C ASP B 247 -4.76 -18.90 -34.60
N VAL B 248 -5.59 -18.12 -33.92
CA VAL B 248 -6.58 -17.29 -34.59
C VAL B 248 -5.98 -15.97 -35.11
N THR B 249 -5.93 -15.83 -36.43
CA THR B 249 -5.34 -14.65 -37.07
C THR B 249 -6.19 -13.38 -36.93
N ASN B 250 -7.50 -13.51 -37.13
CA ASN B 250 -8.44 -12.38 -37.15
C ASN B 250 -9.32 -12.28 -35.90
N PRO B 251 -9.40 -11.10 -35.26
CA PRO B 251 -10.24 -10.91 -34.06
C PRO B 251 -11.73 -11.12 -34.31
N LEU B 252 -12.17 -11.05 -35.57
CA LEU B 252 -13.58 -11.32 -35.86
C LEU B 252 -13.84 -12.83 -35.80
N GLN B 253 -12.81 -13.63 -36.07
CA GLN B 253 -12.92 -15.10 -35.93
C GLN B 253 -13.05 -15.47 -34.46
N ILE B 254 -12.38 -14.70 -33.58
CA ILE B 254 -12.45 -14.92 -32.14
C ILE B 254 -13.89 -14.61 -31.69
N MET B 255 -14.37 -13.43 -32.06
CA MET B 255 -15.70 -12.98 -31.71
C MET B 255 -16.76 -13.97 -32.16
N TYR B 256 -16.58 -14.51 -33.36
CA TYR B 256 -17.56 -15.45 -33.89
C TYR B 256 -17.47 -16.79 -33.14
N SER B 257 -16.26 -17.34 -33.03
CA SER B 257 -16.07 -18.58 -32.28
C SER B 257 -16.62 -18.45 -30.85
N VAL B 258 -16.30 -17.36 -30.17
CA VAL B 258 -16.77 -17.15 -28.80
C VAL B 258 -18.32 -17.15 -28.71
N SER B 259 -18.97 -16.42 -29.61
CA SER B 259 -20.42 -16.37 -29.61
C SER B 259 -21.05 -17.75 -29.83
N GLN B 260 -20.31 -18.66 -30.46
CA GLN B 260 -20.75 -20.04 -30.67
C GLN B 260 -20.36 -20.95 -29.51
N GLY B 261 -19.80 -20.36 -28.44
CA GLY B 261 -19.42 -21.11 -27.26
C GLY B 261 -18.02 -21.68 -27.19
N HIS B 262 -17.17 -21.33 -28.16
CA HIS B 262 -15.77 -21.76 -28.10
C HIS B 262 -15.06 -20.92 -27.04
N ARG B 263 -14.07 -21.53 -26.39
CA ARG B 263 -13.31 -20.87 -25.33
C ARG B 263 -11.86 -21.27 -25.45
N PRO B 264 -10.93 -20.47 -24.90
CA PRO B 264 -9.52 -20.86 -24.94
C PRO B 264 -9.37 -22.33 -24.58
N VAL B 265 -8.48 -23.00 -25.29
CA VAL B 265 -8.30 -24.44 -25.15
C VAL B 265 -7.85 -24.98 -23.79
N ILE B 266 -8.55 -26.00 -23.32
CA ILE B 266 -8.20 -26.67 -22.07
C ILE B 266 -7.80 -28.13 -22.32
N ASN B 267 -6.49 -28.37 -22.36
CA ASN B 267 -5.93 -29.72 -22.48
C ASN B 267 -4.55 -29.81 -21.81
N GLU B 268 -3.87 -30.94 -21.98
CA GLU B 268 -2.57 -31.15 -21.33
C GLU B 268 -1.46 -30.21 -21.82
N GLU B 269 -1.61 -29.71 -23.04
CA GLU B 269 -0.61 -28.84 -23.65
C GLU B 269 -0.71 -27.41 -23.10
N SER B 270 -1.95 -26.91 -22.97
CA SER B 270 -2.21 -25.54 -22.45
C SER B 270 -2.09 -25.46 -20.93
N LEU B 271 -2.73 -26.40 -20.23
CA LEU B 271 -2.69 -26.43 -18.77
C LEU B 271 -2.11 -27.78 -18.36
N PRO B 272 -0.75 -27.84 -18.23
CA PRO B 272 0.00 -29.07 -17.92
C PRO B 272 -0.52 -29.73 -16.66
N TYR B 273 -0.36 -31.05 -16.56
CA TYR B 273 -0.87 -31.81 -15.41
C TYR B 273 -0.20 -31.48 -14.07
N ASP B 274 0.94 -30.79 -14.09
CA ASP B 274 1.61 -30.45 -12.83
C ASP B 274 1.06 -29.19 -12.14
N ILE B 275 0.03 -28.55 -12.70
CA ILE B 275 -0.57 -27.35 -12.08
C ILE B 275 -1.22 -27.67 -10.74
N PRO B 276 -0.80 -26.99 -9.67
CA PRO B 276 -1.45 -27.21 -8.37
C PRO B 276 -2.95 -26.95 -8.48
N HIS B 277 -3.74 -27.85 -7.90
CA HIS B 277 -5.20 -27.69 -7.85
C HIS B 277 -5.83 -27.56 -9.24
N ARG B 278 -5.18 -28.19 -10.23
CA ARG B 278 -5.61 -28.16 -11.61
C ARG B 278 -7.12 -28.35 -11.77
N ALA B 279 -7.63 -29.56 -11.45
CA ALA B 279 -9.05 -29.85 -11.63
C ALA B 279 -9.94 -28.73 -11.11
N ARG B 280 -9.67 -28.32 -9.86
CA ARG B 280 -10.43 -27.26 -9.20
C ARG B 280 -10.42 -25.91 -9.96
N MET B 281 -9.26 -25.53 -10.49
CA MET B 281 -9.07 -24.28 -11.24
C MET B 281 -9.81 -24.32 -12.59
N ILE B 282 -9.70 -25.44 -13.30
CA ILE B 282 -10.42 -25.67 -14.55
C ILE B 282 -11.93 -25.47 -14.36
N SER B 283 -12.48 -26.00 -13.28
CA SER B 283 -13.90 -25.79 -12.93
C SER B 283 -14.24 -24.34 -12.70
N LEU B 284 -13.39 -23.62 -11.96
CA LEU B 284 -13.59 -22.20 -11.67
C LEU B 284 -13.54 -21.43 -12.99
N ILE B 285 -12.52 -21.69 -13.80
CA ILE B 285 -12.40 -21.07 -15.11
C ILE B 285 -13.67 -21.34 -15.92
N GLU B 286 -14.02 -22.62 -16.10
CA GLU B 286 -15.19 -23.00 -16.91
C GLU B 286 -16.53 -22.46 -16.46
N SER B 287 -16.71 -22.21 -15.16
CA SER B 287 -17.97 -21.60 -14.70
C SER B 287 -17.96 -20.09 -14.90
N GLY B 288 -16.76 -19.50 -14.78
CA GLY B 288 -16.57 -18.07 -14.95
C GLY B 288 -16.82 -17.58 -16.36
N TRP B 289 -16.38 -18.34 -17.37
CA TRP B 289 -16.62 -17.94 -18.75
C TRP B 289 -17.85 -18.60 -19.41
N ALA B 290 -18.74 -19.19 -18.61
CA ALA B 290 -19.95 -19.82 -19.13
C ALA B 290 -20.72 -18.90 -20.06
N GLN B 291 -21.31 -19.50 -21.10
CA GLN B 291 -22.09 -18.79 -22.12
C GLN B 291 -23.27 -18.04 -21.51
N ASN B 292 -24.04 -18.71 -20.66
CA ASN B 292 -25.18 -18.13 -19.96
C ASN B 292 -24.65 -17.31 -18.76
N PRO B 293 -24.80 -15.97 -18.82
CA PRO B 293 -24.29 -15.13 -17.73
C PRO B 293 -24.74 -15.56 -16.34
N ASP B 294 -26.01 -15.94 -16.20
CA ASP B 294 -26.60 -16.34 -14.90
C ASP B 294 -25.88 -17.51 -14.24
N GLU B 295 -25.17 -18.32 -15.04
CA GLU B 295 -24.46 -19.47 -14.49
C GLU B 295 -23.04 -19.10 -13.98
N ARG B 296 -22.65 -17.85 -14.16
CA ARG B 296 -21.34 -17.37 -13.74
C ARG B 296 -21.42 -16.96 -12.28
N PRO B 297 -20.41 -17.35 -11.47
CA PRO B 297 -20.40 -16.99 -10.06
C PRO B 297 -20.21 -15.51 -9.78
N SER B 298 -20.58 -15.07 -8.58
CA SER B 298 -20.32 -13.73 -8.12
C SER B 298 -18.86 -13.77 -7.68
N PHE B 299 -18.25 -12.60 -7.42
CA PHE B 299 -16.90 -12.61 -6.90
C PHE B 299 -16.81 -13.18 -5.46
N LEU B 300 -17.90 -13.04 -4.70
CA LEU B 300 -17.99 -13.67 -3.37
C LEU B 300 -17.80 -15.19 -3.47
N LYS B 301 -18.58 -15.83 -4.35
CA LYS B 301 -18.49 -17.27 -4.57
C LYS B 301 -17.07 -17.61 -5.03
N CYS B 302 -16.58 -16.85 -6.00
CA CYS B 302 -15.24 -17.03 -6.52
C CYS B 302 -14.19 -16.98 -5.40
N LEU B 303 -14.31 -16.03 -4.49
CA LEU B 303 -13.37 -15.92 -3.39
C LEU B 303 -13.48 -17.07 -2.39
N ILE B 304 -14.71 -17.51 -2.14
CA ILE B 304 -14.93 -18.60 -1.19
C ILE B 304 -14.26 -19.89 -1.70
N GLU B 305 -14.26 -20.07 -3.01
CA GLU B 305 -13.64 -21.20 -3.67
C GLU B 305 -12.11 -21.10 -3.63
N LEU B 306 -11.57 -19.90 -3.88
CA LEU B 306 -10.14 -19.64 -3.91
C LEU B 306 -9.42 -19.67 -2.57
N GLU B 307 -10.08 -19.17 -1.53
CA GLU B 307 -9.48 -19.11 -0.20
C GLU B 307 -8.79 -20.42 0.25
N PRO B 308 -9.47 -21.58 0.21
CA PRO B 308 -8.76 -22.81 0.64
C PRO B 308 -7.57 -23.21 -0.26
N VAL B 309 -7.55 -22.70 -1.48
CA VAL B 309 -6.45 -22.99 -2.41
C VAL B 309 -5.23 -22.19 -2.00
N LEU B 310 -5.41 -20.89 -1.73
CA LEU B 310 -4.30 -20.05 -1.28
C LEU B 310 -3.72 -20.47 0.07
N ARG B 311 -4.54 -21.01 0.97
CA ARG B 311 -4.03 -21.46 2.28
C ARG B 311 -2.99 -22.59 2.17
N THR B 312 -3.00 -23.35 1.06
CA THR B 312 -2.05 -24.44 0.88
C THR B 312 -0.61 -23.99 0.56
N PHE B 313 -0.39 -22.70 0.33
CA PHE B 313 0.96 -22.22 0.05
C PHE B 313 1.53 -21.58 1.31
N GLU B 314 2.68 -22.08 1.76
CA GLU B 314 3.35 -21.49 2.93
C GLU B 314 3.77 -20.07 2.58
N GLU B 315 3.64 -19.18 3.55
CA GLU B 315 3.92 -17.76 3.38
C GLU B 315 5.28 -17.47 2.74
N ILE B 316 6.33 -18.18 3.15
CA ILE B 316 7.66 -17.94 2.60
C ILE B 316 7.79 -18.30 1.12
N THR B 317 6.97 -19.21 0.64
CA THR B 317 7.05 -19.57 -0.79
C THR B 317 6.69 -18.39 -1.69
N PHE B 318 5.86 -17.47 -1.19
CA PHE B 318 5.52 -16.27 -1.96
C PHE B 318 6.77 -15.39 -2.10
N LEU B 319 7.47 -15.17 -0.99
CA LEU B 319 8.70 -14.37 -0.96
C LEU B 319 9.78 -14.97 -1.85
N GLU B 320 9.93 -16.29 -1.80
CA GLU B 320 10.94 -17.01 -2.59
C GLU B 320 10.60 -16.98 -4.07
N ALA B 321 9.31 -16.95 -4.38
CA ALA B 321 8.88 -16.88 -5.75
C ALA B 321 9.30 -15.53 -6.35
N VAL B 322 9.24 -14.48 -5.52
CA VAL B 322 9.55 -13.13 -5.96
C VAL B 322 11.04 -12.93 -6.14
N ILE B 323 11.82 -13.42 -5.18
CA ILE B 323 13.27 -13.25 -5.25
C ILE B 323 13.88 -13.90 -6.50
N GLN B 324 13.20 -14.90 -7.07
CA GLN B 324 13.70 -15.55 -8.28
C GLN B 324 13.62 -14.66 -9.51
N LEU B 325 12.76 -13.65 -9.45
CA LEU B 325 12.52 -12.76 -10.58
C LEU B 325 13.55 -11.63 -10.77
N LYS B 326 13.75 -11.27 -12.04
CA LYS B 326 14.67 -10.22 -12.48
C LYS B 326 14.19 -8.82 -12.06
CA CA C . 14.37 -15.79 13.36
C1 IQ7 D . -2.39 -12.67 19.79
O2 IQ7 D . -1.17 -11.94 19.78
C3 IQ7 D . -0.52 -12.16 18.53
C4 IQ7 D . 0.83 -11.49 18.56
N5 IQ7 D . 0.79 -10.17 17.97
C6 IQ7 D . 1.48 -9.88 16.86
O7 IQ7 D . 2.38 -10.57 16.42
C8 IQ7 D . 1.05 -8.60 16.17
C9 IQ7 D . 0.94 -8.59 14.80
C10 IQ7 D . 0.55 -7.44 14.15
C11 IQ7 D . 0.29 -6.31 14.90
N12 IQ7 D . -0.11 -5.05 14.56
C13 IQ7 D . -0.36 -4.62 13.20
C14 IQ7 D . -1.84 -4.65 12.88
O15 IQ7 D . -2.08 -4.19 11.55
C16 IQ7 D . -2.34 -2.79 11.60
C17 IQ7 D . -0.23 -4.36 15.76
N18 IQ7 D . 0.07 -5.10 16.81
C19 IQ7 D . 0.39 -6.33 16.28
C20 IQ7 D . 0.78 -7.48 16.93
C21 IQ7 D . -0.58 -2.97 15.90
C22 IQ7 D . -0.10 -2.03 16.77
N23 IQ7 D . -0.76 -0.84 16.56
C24 IQ7 D . -1.61 -1.07 15.58
N25 IQ7 D . -1.54 -2.36 15.14
C26 IQ7 D . -2.56 -0.06 15.06
C27 IQ7 D . -2.44 1.27 15.44
C28 IQ7 D . -3.35 2.20 14.99
C29 IQ7 D . -4.38 1.82 14.16
CL30 IQ7 D . -5.52 3.01 13.62
C31 IQ7 D . -4.50 0.50 13.77
C32 IQ7 D . -3.59 -0.43 14.22
C1 IQ7 E . 11.32 3.68 -20.52
O2 IQ7 E . 11.18 2.26 -20.44
C3 IQ7 E . 9.86 1.91 -20.84
C4 IQ7 E . 9.63 0.43 -20.57
N5 IQ7 E . 8.44 0.19 -19.79
C6 IQ7 E . 8.50 -0.14 -18.48
O7 IQ7 E . 9.46 -0.65 -17.93
C8 IQ7 E . 7.27 0.20 -17.69
C9 IQ7 E . 7.37 0.32 -16.32
C10 IQ7 E . 6.26 0.63 -15.57
C11 IQ7 E . 5.07 0.82 -16.23
N12 IQ7 E . 3.81 1.14 -15.79
C13 IQ7 E . 3.47 1.36 -14.41
C14 IQ7 E . 3.53 2.80 -13.97
O15 IQ7 E . 3.13 2.91 -12.60
C16 IQ7 E . 1.74 3.21 -12.52
C17 IQ7 E . 3.03 1.20 -16.92
N18 IQ7 E . 3.69 0.94 -18.03
C19 IQ7 E . 4.96 0.71 -17.61
C20 IQ7 E . 6.09 0.39 -18.35
C21 IQ7 E . 1.62 1.55 -16.93
C22 IQ7 E . 0.61 1.10 -17.75
N23 IQ7 E . -0.56 1.70 -17.39
C24 IQ7 E . -0.26 2.51 -16.39
N25 IQ7 E . 1.08 2.46 -16.08
C26 IQ7 E . -1.23 3.37 -15.71
C27 IQ7 E . -2.59 3.15 -15.86
C28 IQ7 E . -3.51 4.00 -15.27
C29 IQ7 E . -3.07 5.07 -14.53
CL30 IQ7 E . -4.21 6.13 -13.79
C31 IQ7 E . -1.72 5.29 -14.36
C32 IQ7 E . -0.81 4.45 -14.96
#